data_3A4T
#
_entry.id   3A4T
#
_cell.length_a   170.259
_cell.length_b   40.097
_cell.length_c   85.951
_cell.angle_alpha   90.00
_cell.angle_beta   110.84
_cell.angle_gamma   90.00
#
_symmetry.space_group_name_H-M   'C 1 2 1'
#
loop_
_entity.id
_entity.type
_entity.pdbx_description
1 polymer 'Putative methyltransferase MJ0026'
2 non-polymer SINEFUNGIN
3 water water
#
_entity_poly.entity_id   1
_entity_poly.type   'polypeptide(L)'
_entity_poly.pdbx_seq_one_letter_code
;MMIVYKGEKMQFIRVNTLKINPEVLKKRLENKGVVLEKTFLDYAFEVKKSPFSIGSTPEYLFGYYMPQSISSMIPPIVLN
PREDDFILDMCAAPGGKTTHLAQLMKNKGTIVAVEISKTRTKALKSNINRMGVLNTIIINADMRKYKDYLLKNEIFFDKI
LLDAPCSGNIIKDKNRNVSEEDIKYCSLRQKELIDIGIDLLKKDGELVYSTCSMEVEENEEVIKYILQKRNDVELIIIKA
NEFKGINIKEGYIKGTLRVFPPNEPFFIAKLRKI
;
_entity_poly.pdbx_strand_id   A,B
#
# COMPACT_ATOMS: atom_id res chain seq x y z
N LYS A 9 -11.19 32.77 -20.71
CA LYS A 9 -10.24 31.68 -20.32
C LYS A 9 -10.56 30.44 -21.16
N MET A 10 -9.53 29.77 -21.65
CA MET A 10 -9.74 28.60 -22.53
C MET A 10 -10.22 27.35 -21.76
N GLN A 11 -10.92 26.44 -22.47
CA GLN A 11 -11.28 25.16 -21.88
C GLN A 11 -10.73 24.09 -22.75
N PHE A 12 -10.21 23.05 -22.13
CA PHE A 12 -9.63 21.90 -22.82
C PHE A 12 -10.16 20.64 -22.14
N ILE A 13 -10.10 19.51 -22.85
CA ILE A 13 -10.39 18.24 -22.16
C ILE A 13 -9.25 17.27 -22.55
N ARG A 14 -8.87 16.41 -21.62
CA ARG A 14 -7.94 15.32 -21.92
C ARG A 14 -8.75 14.07 -22.16
N VAL A 15 -8.59 13.40 -23.30
CA VAL A 15 -9.27 12.14 -23.53
C VAL A 15 -8.56 11.00 -22.77
N ASN A 16 -9.36 10.14 -22.12
CA ASN A 16 -8.85 9.05 -21.28
C ASN A 16 -8.74 7.79 -22.17
N THR A 17 -7.55 7.63 -22.71
CA THR A 17 -7.20 6.52 -23.52
C THR A 17 -7.19 5.21 -22.67
N LEU A 18 -7.18 5.34 -21.34
CA LEU A 18 -7.53 4.11 -20.57
C LEU A 18 -8.84 3.47 -21.03
N LYS A 19 -9.82 4.30 -21.43
CA LYS A 19 -11.22 3.89 -21.61
C LYS A 19 -11.65 4.05 -23.06
N ILE A 20 -11.09 5.01 -23.78
CA ILE A 20 -11.63 5.42 -25.06
C ILE A 20 -10.57 5.99 -25.98
N ASN A 21 -10.80 5.84 -27.29
CA ASN A 21 -9.97 6.39 -28.33
C ASN A 21 -10.36 7.84 -28.62
N PRO A 22 -9.36 8.72 -28.82
CA PRO A 22 -9.60 10.13 -29.13
C PRO A 22 -10.62 10.44 -30.19
N GLU A 23 -10.62 9.67 -31.27
CA GLU A 23 -11.44 9.95 -32.43
C GLU A 23 -12.83 9.47 -32.21
N VAL A 24 -13.02 8.39 -31.44
CA VAL A 24 -14.36 7.94 -31.05
C VAL A 24 -15.12 8.97 -30.17
N LEU A 25 -14.42 9.47 -29.18
CA LEU A 25 -14.95 10.48 -28.29
C LEU A 25 -15.19 11.82 -29.07
N LYS A 26 -14.22 12.20 -29.89
CA LYS A 26 -14.34 13.45 -30.67
C LYS A 26 -15.60 13.46 -31.56
N LYS A 27 -15.80 12.38 -32.31
CA LYS A 27 -16.99 12.20 -33.13
C LYS A 27 -18.28 12.19 -32.27
N ARG A 28 -18.26 11.52 -31.15
CA ARG A 28 -19.47 11.45 -30.36
C ARG A 28 -19.87 12.86 -29.82
N LEU A 29 -18.86 13.63 -29.37
CA LEU A 29 -19.17 14.97 -28.80
C LEU A 29 -19.54 15.96 -29.88
N GLU A 30 -18.91 15.86 -31.04
CA GLU A 30 -19.24 16.79 -32.16
C GLU A 30 -20.60 16.52 -32.67
N ASN A 31 -21.05 15.26 -32.62
CA ASN A 31 -22.42 15.01 -32.99
C ASN A 31 -23.45 15.52 -32.00
N LYS A 32 -23.01 15.82 -30.76
CA LYS A 32 -23.95 16.47 -29.83
C LYS A 32 -23.80 18.01 -29.82
N GLY A 33 -23.11 18.60 -30.81
CA GLY A 33 -23.02 20.07 -30.89
C GLY A 33 -21.77 20.62 -30.24
N VAL A 34 -20.86 19.76 -29.74
CA VAL A 34 -19.58 20.29 -29.21
C VAL A 34 -18.64 20.64 -30.37
N VAL A 35 -18.03 21.80 -30.32
CA VAL A 35 -17.03 22.16 -31.34
C VAL A 35 -15.67 21.98 -30.67
N LEU A 36 -14.80 21.12 -31.21
CA LEU A 36 -13.51 20.80 -30.59
C LEU A 36 -12.36 21.26 -31.50
N GLU A 37 -11.22 21.73 -30.96
CA GLU A 37 -10.04 22.06 -31.80
C GLU A 37 -8.89 21.22 -31.30
N LYS A 38 -8.14 20.64 -32.25
CA LYS A 38 -6.80 20.07 -32.02
C LYS A 38 -5.91 20.91 -31.10
N THR A 39 -4.88 20.22 -30.66
CA THR A 39 -4.01 20.52 -29.59
C THR A 39 -2.71 19.90 -30.08
N PHE A 40 -1.59 20.20 -29.40
CA PHE A 40 -0.33 19.58 -29.72
C PHE A 40 -0.35 18.09 -29.35
N LEU A 41 -1.42 17.65 -28.68
CA LEU A 41 -1.59 16.21 -28.32
C LEU A 41 -2.73 15.61 -29.12
N ASP A 42 -2.53 14.41 -29.65
CA ASP A 42 -3.65 13.72 -30.34
C ASP A 42 -4.83 13.32 -29.38
N TYR A 43 -4.64 13.40 -28.06
CA TYR A 43 -5.73 13.02 -27.14
C TYR A 43 -6.19 14.16 -26.28
N ALA A 44 -5.85 15.39 -26.65
CA ALA A 44 -6.40 16.51 -25.93
C ALA A 44 -7.05 17.47 -26.94
N PHE A 45 -8.19 18.04 -26.55
CA PHE A 45 -8.92 18.96 -27.40
C PHE A 45 -9.21 20.26 -26.71
N GLU A 46 -9.23 21.35 -27.49
CA GLU A 46 -9.74 22.65 -27.06
C GLU A 46 -11.25 22.69 -27.32
N VAL A 47 -12.00 23.05 -26.32
CA VAL A 47 -13.44 23.13 -26.44
C VAL A 47 -13.73 24.58 -26.87
N LYS A 48 -14.30 24.76 -28.05
CA LYS A 48 -14.52 26.08 -28.61
C LYS A 48 -15.95 26.45 -28.28
N LYS A 49 -16.86 25.49 -28.45
CA LYS A 49 -18.23 25.65 -27.92
C LYS A 49 -18.92 24.35 -27.54
N SER A 50 -19.78 24.47 -26.57
CA SER A 50 -20.42 23.36 -25.95
C SER A 50 -21.85 23.72 -25.50
N PRO A 51 -22.86 23.03 -26.03
CA PRO A 51 -24.13 23.25 -25.31
C PRO A 51 -24.16 22.66 -23.89
N PHE A 52 -23.12 21.93 -23.48
CA PHE A 52 -23.04 21.23 -22.16
C PHE A 52 -22.02 21.86 -21.25
N SER A 53 -22.35 21.97 -19.97
CA SER A 53 -21.32 22.05 -18.92
C SER A 53 -20.40 20.85 -19.09
N ILE A 54 -19.11 21.10 -19.29
CA ILE A 54 -18.27 20.04 -19.77
C ILE A 54 -17.93 19.02 -18.71
N GLY A 55 -18.07 19.39 -17.43
CA GLY A 55 -17.99 18.37 -16.39
C GLY A 55 -19.35 17.67 -16.17
N SER A 56 -20.26 17.72 -17.13
CA SER A 56 -21.68 17.29 -16.90
C SER A 56 -22.22 16.30 -17.97
N THR A 57 -21.39 15.76 -18.85
CA THR A 57 -21.93 14.94 -19.93
C THR A 57 -21.92 13.50 -19.40
N PRO A 58 -22.79 12.64 -19.95
CA PRO A 58 -22.61 11.19 -19.71
C PRO A 58 -21.16 10.67 -20.00
N GLU A 59 -20.56 11.10 -21.12
CA GLU A 59 -19.13 10.87 -21.44
C GLU A 59 -18.15 11.23 -20.35
N TYR A 60 -18.24 12.43 -19.78
CA TYR A 60 -17.45 12.75 -18.61
C TYR A 60 -17.65 11.74 -17.43
N LEU A 61 -18.92 11.57 -17.04
CA LEU A 61 -19.35 10.61 -15.97
C LEU A 61 -18.88 9.15 -16.15
N PHE A 62 -18.83 8.71 -17.43
CA PHE A 62 -18.25 7.45 -17.85
C PHE A 62 -16.70 7.43 -17.78
N GLY A 63 -16.04 8.56 -17.55
CA GLY A 63 -14.59 8.49 -17.51
C GLY A 63 -13.89 8.60 -18.84
N TYR A 64 -14.63 9.11 -19.84
CA TYR A 64 -14.10 9.35 -21.20
C TYR A 64 -13.14 10.53 -21.33
N TYR A 65 -13.24 11.50 -20.40
CA TYR A 65 -12.27 12.56 -20.38
C TYR A 65 -12.30 13.26 -19.11
N MET A 66 -11.25 14.07 -18.99
CA MET A 66 -11.00 14.96 -17.89
C MET A 66 -10.88 16.39 -18.40
N PRO A 67 -11.78 17.28 -17.96
CA PRO A 67 -11.54 18.68 -18.17
C PRO A 67 -10.34 19.22 -17.33
N GLN A 68 -9.51 20.05 -17.95
CA GLN A 68 -8.32 20.58 -17.28
C GLN A 68 -7.60 21.55 -18.23
N SER A 69 -6.83 22.46 -17.65
CA SER A 69 -6.09 23.42 -18.47
C SER A 69 -5.08 22.64 -19.33
N ILE A 70 -4.71 23.15 -20.48
CA ILE A 70 -3.66 22.40 -21.23
C ILE A 70 -2.31 22.48 -20.55
N SER A 71 -2.13 23.50 -19.73
CA SER A 71 -0.91 23.78 -19.01
C SER A 71 -0.64 22.65 -18.05
N SER A 72 -1.76 22.17 -17.45
CA SER A 72 -1.75 21.20 -16.41
C SER A 72 -1.55 19.81 -16.99
N MET A 73 -1.68 19.68 -18.32
CA MET A 73 -1.29 18.41 -18.93
C MET A 73 0.27 18.24 -19.19
N ILE A 74 1.06 19.32 -19.09
CA ILE A 74 2.52 19.24 -19.26
C ILE A 74 3.34 18.47 -18.15
N PRO A 75 3.09 18.72 -16.86
CA PRO A 75 3.95 17.99 -15.93
C PRO A 75 4.01 16.48 -16.11
N PRO A 76 2.85 15.75 -16.25
CA PRO A 76 2.99 14.32 -16.49
C PRO A 76 3.74 13.95 -17.79
N ILE A 77 3.60 14.78 -18.83
CA ILE A 77 4.26 14.51 -20.11
C ILE A 77 5.79 14.63 -20.00
N VAL A 78 6.25 15.70 -19.36
CA VAL A 78 7.67 15.89 -19.02
C VAL A 78 8.24 14.79 -18.07
N LEU A 79 7.48 14.36 -17.06
CA LEU A 79 8.00 13.31 -16.19
C LEU A 79 8.07 12.02 -16.99
N ASN A 80 7.06 11.82 -17.83
CA ASN A 80 7.08 10.73 -18.80
C ASN A 80 7.32 9.36 -18.11
N PRO A 81 6.38 8.91 -17.25
CA PRO A 81 6.50 7.68 -16.50
C PRO A 81 6.41 6.48 -17.44
N ARG A 82 7.17 5.41 -17.21
CA ARG A 82 6.90 4.25 -18.05
C ARG A 82 5.88 3.32 -17.43
N GLU A 83 5.39 2.44 -18.27
CA GLU A 83 4.40 1.46 -17.95
C GLU A 83 4.63 0.76 -16.62
N ASP A 84 5.81 0.19 -16.43
CA ASP A 84 6.01 -0.57 -15.20
C ASP A 84 6.60 0.24 -14.04
N ASP A 85 6.71 1.56 -14.17
CA ASP A 85 7.37 2.34 -13.12
C ASP A 85 6.60 2.37 -11.78
N PHE A 86 7.35 2.70 -10.75
CA PHE A 86 6.84 2.95 -9.42
C PHE A 86 6.96 4.47 -9.22
N ILE A 87 5.82 5.12 -9.00
CA ILE A 87 5.66 6.56 -9.13
C ILE A 87 5.02 7.06 -7.85
N LEU A 88 5.50 8.22 -7.43
CA LEU A 88 4.92 8.98 -6.33
C LEU A 88 4.32 10.25 -6.91
N ASP A 89 3.05 10.49 -6.58
CA ASP A 89 2.39 11.79 -6.79
C ASP A 89 2.17 12.44 -5.44
N MET A 90 3.03 13.40 -5.13
CA MET A 90 3.15 13.89 -3.74
C MET A 90 1.95 14.65 -3.21
N CYS A 91 1.34 15.46 -4.06
CA CYS A 91 0.24 16.33 -3.63
C CYS A 91 -0.87 16.14 -4.69
N ALA A 92 -1.68 15.10 -4.51
CA ALA A 92 -2.38 14.57 -5.69
C ALA A 92 -3.79 15.06 -6.05
N ALA A 93 -4.58 15.51 -5.08
CA ALA A 93 -6.00 15.78 -5.34
C ALA A 93 -6.08 17.04 -6.17
N PRO A 94 -7.09 17.14 -7.05
CA PRO A 94 -8.21 16.17 -7.24
C PRO A 94 -7.85 14.95 -8.09
N GLY A 95 -6.61 14.80 -8.56
CA GLY A 95 -6.33 13.71 -9.45
C GLY A 95 -6.31 13.93 -10.95
N GLY A 96 -6.43 15.18 -11.41
CA GLY A 96 -6.14 15.50 -12.84
C GLY A 96 -4.85 14.84 -13.36
N LYS A 97 -3.71 15.18 -12.75
CA LYS A 97 -2.37 14.62 -13.11
C LYS A 97 -2.18 13.18 -12.68
N THR A 98 -2.80 12.72 -11.59
CA THR A 98 -2.67 11.27 -11.23
C THR A 98 -3.25 10.34 -12.30
N THR A 99 -4.40 10.72 -12.84
CA THR A 99 -5.07 9.88 -13.88
C THR A 99 -4.40 10.02 -15.23
N HIS A 100 -3.73 11.15 -15.41
CA HIS A 100 -2.93 11.44 -16.62
C HIS A 100 -1.73 10.50 -16.58
N LEU A 101 -1.00 10.50 -15.48
CA LEU A 101 0.14 9.56 -15.30
C LEU A 101 -0.30 8.10 -15.52
N ALA A 102 -1.44 7.69 -14.93
CA ALA A 102 -1.99 6.33 -15.12
C ALA A 102 -2.26 5.98 -16.60
N GLN A 103 -2.86 6.92 -17.35
CA GLN A 103 -3.13 6.76 -18.77
C GLN A 103 -1.82 6.58 -19.57
N LEU A 104 -0.82 7.41 -19.23
CA LEU A 104 0.49 7.33 -19.85
C LEU A 104 1.13 5.97 -19.53
N MET A 105 0.78 5.37 -18.36
CA MET A 105 1.40 4.11 -17.95
C MET A 105 0.54 2.95 -18.37
N LYS A 106 -0.58 3.29 -19.02
CA LYS A 106 -1.58 2.32 -19.41
C LYS A 106 -2.11 1.47 -18.25
N ASN A 107 -2.11 2.02 -17.03
CA ASN A 107 -2.68 1.29 -15.87
C ASN A 107 -1.80 0.18 -15.35
N LYS A 108 -0.53 0.18 -15.80
CA LYS A 108 0.50 -0.64 -15.23
C LYS A 108 1.24 0.08 -14.14
N GLY A 109 2.27 -0.59 -13.62
CA GLY A 109 3.03 -0.07 -12.54
C GLY A 109 2.24 0.38 -11.34
N THR A 110 2.74 1.39 -10.65
CA THR A 110 2.10 1.83 -9.44
C THR A 110 2.30 3.30 -9.23
N ILE A 111 1.22 3.96 -8.84
CA ILE A 111 1.29 5.33 -8.45
C ILE A 111 0.85 5.35 -6.99
N VAL A 112 1.68 5.98 -6.15
CA VAL A 112 1.29 6.26 -4.82
C VAL A 112 0.87 7.72 -4.86
N ALA A 113 -0.39 7.95 -4.59
CA ALA A 113 -1.02 9.24 -4.68
C ALA A 113 -1.34 9.69 -3.25
N VAL A 114 -0.69 10.79 -2.85
CA VAL A 114 -0.75 11.29 -1.48
C VAL A 114 -1.44 12.68 -1.43
N GLU A 115 -2.30 12.82 -0.43
CA GLU A 115 -3.17 13.99 -0.29
C GLU A 115 -3.39 14.29 1.21
N ILE A 116 -2.98 15.46 1.66
CA ILE A 116 -3.14 15.84 3.10
C ILE A 116 -4.59 15.93 3.61
N SER A 117 -5.50 16.44 2.77
CA SER A 117 -6.90 16.75 3.18
C SER A 117 -7.79 15.53 2.99
N LYS A 118 -8.71 15.30 3.94
CA LYS A 118 -9.55 14.11 3.97
C LYS A 118 -10.65 14.25 2.91
N THR A 119 -11.28 15.42 2.93
CA THR A 119 -12.25 15.86 1.96
C THR A 119 -11.70 15.77 0.53
N ARG A 120 -10.55 16.38 0.27
CA ARG A 120 -9.96 16.34 -1.06
C ARG A 120 -9.60 14.93 -1.45
N THR A 121 -9.28 14.06 -0.47
CA THR A 121 -9.00 12.63 -0.78
C THR A 121 -10.24 11.99 -1.43
N LYS A 122 -11.41 12.36 -0.97
CA LYS A 122 -12.71 12.01 -1.61
C LYS A 122 -12.79 12.29 -3.10
N ALA A 123 -12.46 13.52 -3.47
CA ALA A 123 -12.46 13.95 -4.85
C ALA A 123 -11.40 13.18 -5.68
N LEU A 124 -10.22 12.99 -5.11
CA LEU A 124 -9.19 12.17 -5.69
C LEU A 124 -9.60 10.70 -6.02
N LYS A 125 -10.17 10.01 -5.02
CA LYS A 125 -10.72 8.71 -5.19
C LYS A 125 -11.87 8.68 -6.21
N SER A 126 -12.84 9.58 -6.10
CA SER A 126 -13.80 9.80 -7.21
C SER A 126 -13.19 9.91 -8.63
N ASN A 127 -12.28 10.86 -8.87
CA ASN A 127 -11.62 10.96 -10.19
C ASN A 127 -11.01 9.66 -10.71
N ILE A 128 -10.33 8.97 -9.82
CA ILE A 128 -9.64 7.69 -10.05
C ILE A 128 -10.57 6.52 -10.42
N ASN A 129 -11.59 6.33 -9.58
CA ASN A 129 -12.69 5.43 -9.88
C ASN A 129 -13.43 5.81 -11.14
N ARG A 130 -13.77 7.08 -11.30
CA ARG A 130 -14.39 7.54 -12.57
C ARG A 130 -13.56 7.27 -13.87
N MET A 131 -12.30 7.63 -13.81
CA MET A 131 -11.41 7.43 -14.97
C MET A 131 -10.97 5.97 -15.15
N GLY A 132 -11.57 5.05 -14.37
CA GLY A 132 -11.18 3.63 -14.40
C GLY A 132 -9.72 3.32 -14.05
N VAL A 133 -9.07 4.11 -13.19
CA VAL A 133 -7.61 3.88 -12.92
C VAL A 133 -7.42 2.72 -11.88
N LEU A 134 -6.50 1.76 -12.16
CA LEU A 134 -6.31 0.55 -11.33
C LEU A 134 -4.89 0.44 -10.70
N ASN A 135 -3.91 1.26 -11.12
CA ASN A 135 -2.57 1.18 -10.61
C ASN A 135 -2.17 2.13 -9.48
N THR A 136 -3.16 2.59 -8.70
CA THR A 136 -2.96 3.73 -7.82
C THR A 136 -3.40 3.43 -6.44
N ILE A 137 -2.53 3.77 -5.50
CA ILE A 137 -2.74 3.59 -4.06
C ILE A 137 -2.95 4.95 -3.40
N ILE A 138 -4.16 5.19 -2.88
CA ILE A 138 -4.46 6.50 -2.34
C ILE A 138 -4.09 6.51 -0.87
N ILE A 139 -3.21 7.46 -0.51
CA ILE A 139 -2.79 7.68 0.84
C ILE A 139 -3.35 9.04 1.26
N ASN A 140 -4.22 9.08 2.28
CA ASN A 140 -4.60 10.37 2.92
C ASN A 140 -3.58 10.68 4.04
N ALA A 141 -2.53 11.47 3.77
CA ALA A 141 -1.54 11.80 4.82
C ALA A 141 -0.80 13.07 4.45
N ASP A 142 -0.19 13.63 5.50
CA ASP A 142 0.75 14.71 5.36
C ASP A 142 2.05 14.03 4.87
N MET A 143 2.40 14.29 3.60
CA MET A 143 3.70 13.88 2.98
C MET A 143 4.87 14.09 3.85
N ARG A 144 4.89 15.23 4.56
CA ARG A 144 6.02 15.54 5.44
C ARG A 144 6.19 14.53 6.57
N LYS A 145 5.11 13.85 6.98
CA LYS A 145 5.24 12.76 7.97
C LYS A 145 5.22 11.39 7.27
N TYR A 146 4.34 11.24 6.25
CA TYR A 146 4.33 9.98 5.47
C TYR A 146 5.71 9.56 4.88
N LYS A 147 6.54 10.52 4.51
CA LYS A 147 7.90 10.22 4.05
C LYS A 147 8.81 9.49 5.04
N ASP A 148 8.63 9.66 6.36
CA ASP A 148 9.42 8.88 7.36
C ASP A 148 9.09 7.41 7.25
N TYR A 149 7.83 7.14 6.94
CA TYR A 149 7.38 5.78 6.76
C TYR A 149 8.09 5.13 5.55
N LEU A 150 8.05 5.86 4.44
CA LEU A 150 8.72 5.51 3.18
C LEU A 150 10.24 5.36 3.30
N LEU A 151 10.87 6.32 3.97
CA LEU A 151 12.32 6.28 4.23
C LEU A 151 12.74 5.11 5.13
N LYS A 152 12.09 4.98 6.29
CA LYS A 152 12.33 3.83 7.20
C LYS A 152 12.28 2.49 6.42
N ASN A 153 11.40 2.39 5.43
CA ASN A 153 11.17 1.12 4.82
C ASN A 153 11.83 1.07 3.48
N GLU A 154 12.64 2.09 3.17
CA GLU A 154 13.44 2.05 1.93
C GLU A 154 12.54 2.05 0.70
N ILE A 155 11.47 2.81 0.74
CA ILE A 155 10.54 2.77 -0.40
C ILE A 155 10.94 3.92 -1.28
N PHE A 156 11.82 3.64 -2.25
CA PHE A 156 12.22 4.65 -3.26
C PHE A 156 11.49 4.48 -4.58
N PHE A 157 11.34 5.60 -5.31
CA PHE A 157 10.56 5.66 -6.54
C PHE A 157 11.43 5.95 -7.80
N ASP A 158 10.98 5.42 -8.92
CA ASP A 158 11.59 5.61 -10.24
C ASP A 158 11.47 7.03 -10.70
N LYS A 159 10.25 7.57 -10.54
CA LYS A 159 9.97 8.95 -10.98
C LYS A 159 8.94 9.48 -10.02
N ILE A 160 9.03 10.77 -9.71
CA ILE A 160 8.15 11.46 -8.77
C ILE A 160 7.59 12.75 -9.46
N LEU A 161 6.26 12.94 -9.33
CA LEU A 161 5.63 14.21 -9.57
C LEU A 161 5.47 14.94 -8.22
N LEU A 162 6.14 16.09 -8.11
CA LEU A 162 5.80 17.04 -7.09
C LEU A 162 4.98 18.16 -7.76
N ASP A 163 3.71 17.94 -7.99
CA ASP A 163 2.84 19.04 -8.37
C ASP A 163 2.27 19.80 -7.09
N ALA A 164 3.01 20.83 -6.69
CA ALA A 164 2.84 21.45 -5.41
C ALA A 164 1.69 22.42 -5.46
N PRO A 165 0.96 22.56 -4.32
CA PRO A 165 0.01 23.66 -4.16
C PRO A 165 0.73 25.00 -4.43
N CYS A 166 -0.07 25.97 -4.82
CA CYS A 166 0.36 27.28 -5.23
C CYS A 166 -0.46 28.44 -4.56
N SER A 167 0.20 29.59 -4.44
CA SER A 167 -0.43 30.84 -3.98
C SER A 167 -1.87 31.03 -4.47
N GLY A 168 -2.13 30.72 -5.75
CA GLY A 168 -3.45 30.86 -6.38
C GLY A 168 -4.55 29.96 -5.81
N ASN A 169 -4.17 28.83 -5.21
CA ASN A 169 -5.09 27.81 -4.65
C ASN A 169 -5.59 28.38 -3.36
N ILE A 170 -4.76 29.25 -2.78
CA ILE A 170 -5.10 30.23 -1.71
C ILE A 170 -4.21 30.10 -0.50
N SER A 179 -1.72 37.68 -2.68
CA SER A 179 -0.82 38.37 -1.70
C SER A 179 0.64 37.87 -1.52
N GLU A 180 1.49 38.78 -1.06
CA GLU A 180 2.91 38.56 -0.90
C GLU A 180 3.17 37.49 0.14
N GLU A 181 2.34 37.50 1.18
CA GLU A 181 2.32 36.49 2.23
C GLU A 181 1.92 35.12 1.67
N ASP A 182 0.87 35.05 0.85
CA ASP A 182 0.41 33.77 0.27
C ASP A 182 1.59 33.12 -0.45
N ILE A 183 2.35 33.95 -1.17
CA ILE A 183 3.41 33.53 -2.08
C ILE A 183 4.60 33.03 -1.30
N LYS A 184 4.92 33.75 -0.22
CA LYS A 184 6.01 33.41 0.68
C LYS A 184 5.69 32.13 1.47
N TYR A 185 4.42 31.97 1.83
CA TYR A 185 4.00 30.82 2.56
C TYR A 185 4.14 29.57 1.66
N CYS A 186 3.58 29.65 0.45
CA CYS A 186 3.64 28.55 -0.51
C CYS A 186 5.04 28.16 -0.90
N SER A 187 5.91 29.15 -0.99
CA SER A 187 7.26 28.96 -1.45
C SER A 187 8.07 28.13 -0.47
N LEU A 188 7.84 28.41 0.81
CA LEU A 188 8.41 27.70 1.92
C LEU A 188 7.96 26.25 1.95
N ARG A 189 6.65 26.03 1.80
CA ARG A 189 6.09 24.69 1.68
C ARG A 189 6.68 23.88 0.56
N GLN A 190 6.73 24.45 -0.64
CA GLN A 190 7.30 23.90 -1.85
C GLN A 190 8.77 23.51 -1.69
N LYS A 191 9.51 24.26 -0.90
CA LYS A 191 10.91 24.00 -0.66
C LYS A 191 11.11 22.81 0.25
N GLU A 192 10.22 22.68 1.23
CA GLU A 192 10.14 21.51 2.11
C GLU A 192 9.78 20.25 1.30
N LEU A 193 8.79 20.39 0.43
CA LEU A 193 8.29 19.21 -0.35
C LEU A 193 9.35 18.61 -1.30
N ILE A 194 10.10 19.51 -1.97
CA ILE A 194 11.08 19.15 -3.01
C ILE A 194 12.32 18.46 -2.42
N ASP A 195 12.79 18.92 -1.27
CA ASP A 195 13.84 18.24 -0.53
C ASP A 195 13.34 16.83 -0.17
N ILE A 196 12.14 16.72 0.43
CA ILE A 196 11.54 15.42 0.63
C ILE A 196 11.50 14.53 -0.68
N GLY A 197 11.17 15.13 -1.84
CA GLY A 197 11.02 14.34 -3.05
C GLY A 197 12.36 13.81 -3.54
N ILE A 198 13.38 14.63 -3.43
CA ILE A 198 14.68 14.13 -3.75
C ILE A 198 15.08 12.99 -2.83
N ASP A 199 14.79 13.11 -1.52
CA ASP A 199 15.15 12.06 -0.59
C ASP A 199 14.52 10.73 -0.98
N LEU A 200 13.29 10.75 -1.52
CA LEU A 200 12.52 9.53 -1.89
C LEU A 200 12.80 8.93 -3.29
N LEU A 201 13.70 9.54 -4.03
CA LEU A 201 13.98 9.15 -5.43
C LEU A 201 15.12 8.13 -5.42
N LYS A 202 15.00 7.07 -6.22
CA LYS A 202 16.12 6.18 -6.45
C LYS A 202 17.20 6.97 -7.14
N LYS A 203 18.41 6.47 -6.94
CA LYS A 203 19.53 7.00 -7.68
C LYS A 203 19.19 6.91 -9.17
N ASP A 204 19.39 7.99 -9.90
CA ASP A 204 19.19 8.04 -11.35
C ASP A 204 17.72 8.28 -11.69
N GLY A 205 16.88 8.45 -10.66
CA GLY A 205 15.47 8.76 -10.81
C GLY A 205 15.14 10.22 -11.03
N GLU A 206 13.92 10.49 -11.49
CA GLU A 206 13.54 11.79 -12.01
C GLU A 206 12.36 12.35 -11.23
N LEU A 207 12.47 13.61 -10.83
CA LEU A 207 11.36 14.36 -10.24
C LEU A 207 11.03 15.56 -11.14
N VAL A 208 9.73 15.75 -11.40
CA VAL A 208 9.17 16.99 -11.94
C VAL A 208 8.58 17.80 -10.82
N TYR A 209 9.05 19.03 -10.70
CA TYR A 209 8.43 20.03 -9.89
C TYR A 209 7.53 20.85 -10.82
N SER A 210 6.25 20.90 -10.48
CA SER A 210 5.40 21.90 -11.12
C SER A 210 4.48 22.55 -10.12
N THR A 211 3.87 23.65 -10.56
CA THR A 211 2.97 24.46 -9.72
C THR A 211 2.14 25.43 -10.55
N CYS A 212 0.94 25.77 -10.06
CA CYS A 212 -0.01 26.61 -10.83
C CYS A 212 0.26 28.10 -10.62
N SER A 213 1.53 28.47 -10.55
CA SER A 213 1.91 29.81 -10.22
C SER A 213 3.08 30.08 -11.13
N MET A 214 3.12 31.28 -11.71
CA MET A 214 4.27 31.71 -12.52
C MET A 214 5.17 32.76 -11.78
N GLU A 215 4.99 32.86 -10.47
CA GLU A 215 5.73 33.76 -9.57
C GLU A 215 7.08 33.20 -9.27
N VAL A 216 8.13 33.99 -9.44
CA VAL A 216 9.46 33.39 -9.30
C VAL A 216 9.79 32.82 -7.94
N GLU A 217 9.20 33.37 -6.88
CA GLU A 217 9.38 32.82 -5.54
C GLU A 217 8.92 31.33 -5.39
N GLU A 218 7.95 30.94 -6.23
CA GLU A 218 7.36 29.58 -6.27
C GLU A 218 7.98 28.74 -7.41
N ASN A 219 8.92 29.33 -8.13
CA ASN A 219 9.35 28.79 -9.34
C ASN A 219 10.86 28.57 -9.28
N GLU A 220 11.63 29.45 -9.94
CA GLU A 220 13.09 29.27 -9.94
C GLU A 220 13.71 29.41 -8.54
N GLU A 221 13.06 30.07 -7.59
CA GLU A 221 13.57 30.13 -6.21
C GLU A 221 13.65 28.77 -5.50
N VAL A 222 12.59 28.01 -5.71
CA VAL A 222 12.47 26.67 -5.18
C VAL A 222 13.50 25.76 -5.89
N ILE A 223 13.65 25.93 -7.20
CA ILE A 223 14.67 25.17 -7.93
C ILE A 223 16.11 25.55 -7.44
N LYS A 224 16.41 26.84 -7.33
CA LYS A 224 17.75 27.35 -6.94
C LYS A 224 18.06 26.86 -5.52
N TYR A 225 17.03 26.84 -4.67
CA TYR A 225 17.15 26.37 -3.33
C TYR A 225 17.54 24.91 -3.24
N ILE A 226 16.94 24.06 -4.06
CA ILE A 226 17.23 22.65 -3.93
C ILE A 226 18.59 22.37 -4.51
N LEU A 227 18.99 23.03 -5.59
CA LEU A 227 20.33 22.84 -6.21
C LEU A 227 21.51 23.24 -5.27
N GLN A 228 21.35 24.35 -4.55
CA GLN A 228 22.29 24.80 -3.53
C GLN A 228 22.17 23.99 -2.29
N LYS A 229 20.98 23.52 -1.95
CA LYS A 229 20.91 22.72 -0.73
C LYS A 229 21.65 21.37 -0.89
N ARG A 230 21.52 20.72 -2.03
CA ARG A 230 21.95 19.33 -2.12
C ARG A 230 23.04 19.15 -3.16
N ASN A 231 23.89 18.14 -2.95
CA ASN A 231 24.92 17.78 -3.94
C ASN A 231 24.53 16.56 -4.83
N ASP A 232 23.33 16.02 -4.66
CA ASP A 232 23.01 14.76 -5.29
C ASP A 232 21.93 14.90 -6.40
N VAL A 233 21.78 16.12 -6.92
CA VAL A 233 20.68 16.40 -7.80
C VAL A 233 21.23 17.14 -9.02
N GLU A 234 20.63 16.85 -10.16
CA GLU A 234 21.02 17.45 -11.42
C GLU A 234 19.73 17.96 -12.10
N LEU A 235 19.72 19.24 -12.45
CA LEU A 235 18.77 19.80 -13.40
C LEU A 235 18.80 19.13 -14.78
N ILE A 236 17.65 18.60 -15.23
CA ILE A 236 17.50 18.11 -16.62
C ILE A 236 16.88 19.23 -17.46
N ILE A 237 17.47 19.51 -18.62
CA ILE A 237 16.95 20.56 -19.51
C ILE A 237 15.68 20.15 -20.23
N ILE A 238 14.61 20.93 -20.05
CA ILE A 238 13.36 20.69 -20.81
C ILE A 238 13.17 21.75 -21.89
N LYS A 239 12.72 21.33 -23.07
CA LYS A 239 12.48 22.33 -24.13
C LYS A 239 11.01 22.68 -24.39
N ALA A 240 10.76 23.94 -24.71
CA ALA A 240 9.41 24.40 -25.03
C ALA A 240 8.91 23.83 -26.37
N ASN A 241 9.85 23.53 -27.28
CA ASN A 241 9.49 23.50 -28.69
C ASN A 241 8.38 22.49 -29.02
N GLU A 242 8.35 21.39 -28.29
CA GLU A 242 7.30 20.37 -28.36
C GLU A 242 5.84 20.86 -28.12
N PHE A 243 5.71 21.85 -27.24
CA PHE A 243 4.43 22.30 -26.68
C PHE A 243 3.79 23.36 -27.60
N LYS A 244 3.44 22.93 -28.82
CA LYS A 244 2.97 23.84 -29.88
C LYS A 244 1.68 24.49 -29.51
N GLY A 245 1.62 25.80 -29.65
CA GLY A 245 0.33 26.45 -29.49
C GLY A 245 0.12 26.90 -28.07
N ILE A 246 1.15 26.78 -27.25
CA ILE A 246 1.03 27.16 -25.84
C ILE A 246 2.01 28.27 -25.53
N ASN A 247 1.52 29.26 -24.82
CA ASN A 247 2.33 30.40 -24.43
C ASN A 247 3.34 30.04 -23.29
N ILE A 248 4.34 29.27 -23.68
CA ILE A 248 5.30 28.62 -22.80
C ILE A 248 6.69 29.12 -23.24
N LYS A 249 7.51 29.55 -22.30
CA LYS A 249 8.92 29.89 -22.53
C LYS A 249 9.78 29.47 -21.36
N GLU A 250 11.07 29.60 -21.60
CA GLU A 250 12.09 29.24 -20.71
C GLU A 250 12.07 30.09 -19.44
N GLY A 251 12.39 29.47 -18.30
CA GLY A 251 12.32 30.14 -17.04
C GLY A 251 13.58 30.96 -17.03
N TYR A 252 13.89 31.50 -15.86
CA TYR A 252 15.11 32.27 -15.60
C TYR A 252 16.22 31.39 -15.03
N ILE A 253 15.93 30.09 -14.97
CA ILE A 253 16.99 29.08 -14.90
C ILE A 253 16.86 28.31 -16.22
N LYS A 254 17.98 28.18 -16.92
CA LYS A 254 18.00 27.49 -18.19
C LYS A 254 17.36 26.08 -18.05
N GLY A 255 16.51 25.72 -19.03
CA GLY A 255 15.92 24.36 -19.02
C GLY A 255 14.67 24.18 -18.14
N THR A 256 14.18 25.31 -17.58
CA THR A 256 12.91 25.34 -16.85
C THR A 256 11.88 26.09 -17.70
N LEU A 257 10.59 25.88 -17.47
CA LEU A 257 9.60 26.41 -18.35
C LEU A 257 8.56 27.11 -17.55
N ARG A 258 8.04 28.24 -18.08
CA ARG A 258 7.00 29.02 -17.44
C ARG A 258 5.93 29.15 -18.50
N VAL A 259 4.67 28.94 -18.09
CA VAL A 259 3.48 29.15 -18.97
C VAL A 259 2.78 30.47 -18.64
N PHE A 260 2.40 31.22 -19.69
CA PHE A 260 1.89 32.55 -19.45
C PHE A 260 0.44 32.63 -19.92
N PRO A 261 -0.32 33.66 -19.47
CA PRO A 261 -1.56 34.08 -20.15
C PRO A 261 -1.40 34.20 -21.70
N PRO A 262 -2.38 33.70 -22.49
CA PRO A 262 -3.72 33.33 -22.00
C PRO A 262 -3.82 31.86 -21.61
N ASN A 263 -2.67 31.17 -21.59
CA ASN A 263 -2.67 29.84 -21.00
C ASN A 263 -2.73 29.99 -19.48
N GLU A 264 -3.12 28.91 -18.80
CA GLU A 264 -3.05 28.94 -17.34
C GLU A 264 -1.60 29.06 -16.83
N PRO A 265 -1.33 30.07 -15.98
CA PRO A 265 0.01 30.27 -15.39
C PRO A 265 0.57 29.02 -14.74
N PHE A 266 1.81 28.67 -15.04
CA PHE A 266 2.39 27.37 -14.65
C PHE A 266 3.86 27.42 -14.68
N PHE A 267 4.49 26.57 -13.90
CA PHE A 267 5.91 26.44 -13.98
C PHE A 267 6.24 24.95 -13.89
N ILE A 268 7.20 24.52 -14.72
CA ILE A 268 7.68 23.13 -14.77
C ILE A 268 9.19 23.08 -14.77
N ALA A 269 9.73 22.29 -13.84
CA ALA A 269 11.15 21.87 -13.95
C ALA A 269 11.27 20.39 -13.67
N LYS A 270 12.48 19.85 -13.98
CA LYS A 270 12.81 18.42 -13.92
C LYS A 270 14.26 18.16 -13.46
N LEU A 271 14.39 17.29 -12.45
CA LEU A 271 15.66 16.99 -11.78
C LEU A 271 15.93 15.50 -11.83
N ARG A 272 17.18 15.13 -11.59
CA ARG A 272 17.68 13.77 -11.65
C ARG A 272 18.54 13.56 -10.38
N LYS A 273 18.36 12.45 -9.68
CA LYS A 273 19.21 12.16 -8.52
C LYS A 273 20.48 11.53 -9.03
N ILE A 274 21.62 12.07 -8.61
CA ILE A 274 22.93 11.56 -9.01
C ILE A 274 23.64 10.94 -7.80
N MET B 10 16.60 -16.14 6.83
CA MET B 10 16.06 -16.19 5.43
C MET B 10 14.70 -15.52 5.23
N GLN B 11 14.40 -15.26 3.99
CA GLN B 11 13.32 -14.37 3.65
C GLN B 11 12.28 -15.10 2.80
N PHE B 12 11.00 -14.94 3.16
CA PHE B 12 9.88 -15.57 2.46
C PHE B 12 8.78 -14.55 2.24
N ILE B 13 7.90 -14.78 1.29
CA ILE B 13 6.73 -13.93 1.11
C ILE B 13 5.56 -14.88 1.00
N ARG B 14 4.42 -14.47 1.57
CA ARG B 14 3.17 -15.12 1.42
C ARG B 14 2.39 -14.25 0.42
N VAL B 15 2.03 -14.86 -0.71
CA VAL B 15 1.14 -14.23 -1.68
C VAL B 15 -0.29 -14.07 -1.14
N ASN B 16 -0.85 -12.89 -1.32
CA ASN B 16 -2.22 -12.62 -0.91
C ASN B 16 -3.19 -12.87 -2.07
N THR B 17 -3.83 -14.00 -1.85
CA THR B 17 -4.61 -14.72 -2.74
C THR B 17 -5.97 -14.05 -2.79
N LEU B 18 -6.16 -13.07 -1.87
CA LEU B 18 -7.36 -12.21 -1.90
C LEU B 18 -7.25 -11.25 -3.07
N LYS B 19 -6.02 -10.90 -3.46
CA LYS B 19 -5.80 -9.85 -4.47
C LYS B 19 -5.19 -10.41 -5.77
N ILE B 20 -4.39 -11.47 -5.65
CA ILE B 20 -3.59 -11.91 -6.79
C ILE B 20 -3.31 -13.37 -6.73
N ASN B 21 -3.26 -13.96 -7.92
CA ASN B 21 -2.80 -15.34 -8.09
C ASN B 21 -1.25 -15.52 -7.83
N PRO B 22 -0.86 -16.61 -7.15
CA PRO B 22 0.56 -16.93 -6.83
C PRO B 22 1.52 -16.96 -8.01
N GLU B 23 1.18 -17.64 -9.08
CA GLU B 23 2.03 -17.59 -10.31
C GLU B 23 2.05 -16.23 -11.03
N VAL B 24 0.95 -15.48 -11.00
CA VAL B 24 0.96 -14.14 -11.60
C VAL B 24 1.94 -13.23 -10.87
N LEU B 25 1.97 -13.30 -9.53
CA LEU B 25 2.83 -12.44 -8.71
C LEU B 25 4.28 -12.95 -8.75
N LYS B 26 4.43 -14.27 -8.80
CA LYS B 26 5.76 -14.79 -8.94
C LYS B 26 6.39 -14.21 -10.19
N LYS B 27 5.68 -14.35 -11.31
CA LYS B 27 6.18 -13.92 -12.64
C LYS B 27 6.54 -12.42 -12.58
N ARG B 28 5.67 -11.64 -11.95
CA ARG B 28 5.80 -10.22 -11.83
C ARG B 28 7.10 -9.79 -11.14
N LEU B 29 7.44 -10.54 -10.07
CA LEU B 29 8.66 -10.30 -9.25
C LEU B 29 9.95 -10.70 -9.95
N GLU B 30 9.87 -11.85 -10.62
CA GLU B 30 10.88 -12.42 -11.52
C GLU B 30 11.37 -11.43 -12.59
N ASN B 31 10.43 -10.66 -13.14
CA ASN B 31 10.67 -9.55 -14.12
C ASN B 31 11.24 -8.28 -13.47
N LYS B 32 11.57 -8.40 -12.18
CA LYS B 32 12.33 -7.34 -11.47
C LYS B 32 13.56 -7.92 -10.81
N GLY B 33 14.01 -9.10 -11.23
CA GLY B 33 15.30 -9.66 -10.74
C GLY B 33 15.22 -10.34 -9.38
N VAL B 34 14.01 -10.68 -8.99
CA VAL B 34 13.85 -11.49 -7.76
C VAL B 34 13.91 -12.93 -8.12
N VAL B 35 14.71 -13.74 -7.39
CA VAL B 35 14.68 -15.20 -7.57
C VAL B 35 13.83 -15.84 -6.44
N LEU B 36 12.78 -16.56 -6.83
CA LEU B 36 11.86 -17.17 -5.87
C LEU B 36 11.91 -18.68 -5.90
N GLU B 37 11.86 -19.32 -4.72
CA GLU B 37 11.91 -20.77 -4.64
C GLU B 37 10.68 -21.29 -3.88
N LYS B 38 10.30 -22.52 -4.21
CA LYS B 38 9.11 -23.19 -3.71
C LYS B 38 9.25 -23.47 -2.23
N THR B 39 8.10 -23.83 -1.64
CA THR B 39 7.94 -23.87 -0.23
C THR B 39 6.88 -24.97 0.02
N PHE B 40 6.66 -25.40 1.25
CA PHE B 40 5.58 -26.40 1.45
C PHE B 40 4.14 -25.88 1.02
N LEU B 41 3.98 -24.55 0.94
CA LEU B 41 2.78 -23.88 0.38
C LEU B 41 2.87 -23.45 -1.11
N ASP B 42 1.79 -23.60 -1.85
CA ASP B 42 1.88 -23.20 -3.26
C ASP B 42 1.82 -21.68 -3.50
N TYR B 43 1.50 -20.92 -2.47
CA TYR B 43 1.37 -19.52 -2.60
C TYR B 43 2.33 -18.78 -1.67
N ALA B 44 3.33 -19.48 -1.15
CA ALA B 44 4.42 -18.92 -0.42
C ALA B 44 5.73 -19.21 -1.21
N PHE B 45 6.69 -18.31 -1.16
CA PHE B 45 7.94 -18.43 -1.88
C PHE B 45 9.13 -18.08 -0.97
N GLU B 46 10.25 -18.76 -1.10
CA GLU B 46 11.47 -18.23 -0.51
C GLU B 46 12.15 -17.25 -1.47
N VAL B 47 12.60 -16.12 -0.92
CA VAL B 47 13.35 -15.11 -1.64
C VAL B 47 14.84 -15.49 -1.56
N LYS B 48 15.34 -16.14 -2.61
CA LYS B 48 16.71 -16.62 -2.73
C LYS B 48 17.70 -15.53 -3.13
N LYS B 49 17.35 -14.69 -4.09
CA LYS B 49 17.98 -13.35 -4.20
C LYS B 49 17.00 -12.28 -4.68
N SER B 50 17.19 -11.04 -4.21
CA SER B 50 16.46 -9.82 -4.66
C SER B 50 17.39 -8.60 -4.70
N PRO B 51 17.36 -7.77 -5.77
CA PRO B 51 18.16 -6.50 -5.75
C PRO B 51 17.66 -5.31 -4.89
N PHE B 52 16.59 -5.52 -4.10
CA PHE B 52 15.96 -4.49 -3.22
C PHE B 52 15.27 -5.32 -2.09
N SER B 53 14.87 -4.65 -0.98
CA SER B 53 14.17 -5.31 0.14
C SER B 53 12.82 -5.69 -0.33
N ILE B 54 12.47 -6.90 0.02
CA ILE B 54 11.19 -7.42 -0.42
C ILE B 54 9.97 -6.59 0.12
N GLY B 55 10.15 -5.80 1.17
CA GLY B 55 9.08 -5.04 1.76
C GLY B 55 9.00 -3.61 1.26
N SER B 56 9.73 -3.33 0.18
CA SER B 56 9.94 -1.97 -0.30
C SER B 56 9.38 -1.71 -1.71
N THR B 57 8.61 -2.68 -2.22
CA THR B 57 7.98 -2.69 -3.54
C THR B 57 6.57 -2.21 -3.53
N PRO B 58 6.11 -1.79 -4.71
CA PRO B 58 4.70 -1.49 -5.00
C PRO B 58 3.74 -2.69 -4.75
N GLU B 59 4.15 -3.87 -5.20
CA GLU B 59 3.44 -5.16 -4.90
C GLU B 59 3.15 -5.30 -3.43
N TYR B 60 4.12 -4.97 -2.62
CA TYR B 60 3.97 -5.06 -1.18
C TYR B 60 2.92 -4.03 -0.72
N LEU B 61 3.14 -2.79 -1.11
CA LEU B 61 2.23 -1.70 -0.75
C LEU B 61 0.81 -1.96 -1.19
N PHE B 62 0.69 -2.78 -2.21
CA PHE B 62 -0.57 -3.05 -2.86
C PHE B 62 -1.28 -4.24 -2.17
N GLY B 63 -0.58 -4.89 -1.27
CA GLY B 63 -1.13 -5.99 -0.49
C GLY B 63 -1.15 -7.24 -1.32
N TYR B 64 -0.20 -7.38 -2.24
CA TYR B 64 -0.08 -8.60 -3.00
C TYR B 64 0.67 -9.65 -2.24
N TYR B 65 1.29 -9.28 -1.13
CA TYR B 65 1.97 -10.25 -0.28
C TYR B 65 2.35 -9.66 1.08
N MET B 66 2.66 -10.59 1.99
CA MET B 66 3.18 -10.35 3.31
C MET B 66 4.59 -10.93 3.39
N PRO B 67 5.58 -10.08 3.74
CA PRO B 67 6.90 -10.71 4.05
C PRO B 67 6.77 -11.31 5.42
N GLN B 68 7.11 -12.57 5.59
CA GLN B 68 7.05 -13.22 6.91
C GLN B 68 7.96 -14.44 6.88
N SER B 69 8.44 -14.93 8.02
CA SER B 69 9.10 -16.22 8.01
C SER B 69 8.14 -17.36 7.58
N ILE B 70 8.72 -18.44 7.09
CA ILE B 70 7.89 -19.63 6.74
C ILE B 70 7.25 -20.22 7.99
N SER B 71 7.97 -20.17 9.11
CA SER B 71 7.47 -20.66 10.37
C SER B 71 6.12 -20.07 10.70
N SER B 72 5.93 -18.78 10.42
CA SER B 72 4.80 -18.06 10.93
C SER B 72 3.60 -18.30 10.01
N MET B 73 3.84 -19.05 8.93
CA MET B 73 2.78 -19.48 8.04
C MET B 73 2.19 -20.78 8.46
N ILE B 74 2.92 -21.52 9.29
CA ILE B 74 2.42 -22.82 9.76
C ILE B 74 1.08 -22.75 10.59
N PRO B 75 1.00 -21.86 11.60
CA PRO B 75 -0.24 -21.89 12.42
C PRO B 75 -1.62 -21.68 11.79
N PRO B 76 -1.83 -20.64 10.94
CA PRO B 76 -3.22 -20.52 10.33
C PRO B 76 -3.59 -21.75 9.41
N ILE B 77 -2.60 -22.32 8.74
CA ILE B 77 -2.74 -23.57 8.03
C ILE B 77 -3.10 -24.75 8.96
N VAL B 78 -2.44 -24.86 10.10
CA VAL B 78 -2.72 -25.97 11.02
C VAL B 78 -4.12 -25.76 11.59
N LEU B 79 -4.46 -24.51 11.89
CA LEU B 79 -5.81 -24.24 12.37
C LEU B 79 -6.91 -24.60 11.37
N ASN B 80 -6.64 -24.35 10.09
CA ASN B 80 -7.55 -24.69 9.05
C ASN B 80 -8.98 -24.05 9.27
N PRO B 81 -9.10 -22.73 9.29
CA PRO B 81 -10.46 -22.16 9.32
C PRO B 81 -11.38 -22.53 8.10
N ARG B 82 -12.64 -22.77 8.39
CA ARG B 82 -13.61 -22.97 7.31
C ARG B 82 -14.05 -21.53 6.93
N GLU B 83 -14.56 -21.35 5.72
CA GLU B 83 -14.89 -20.01 5.23
C GLU B 83 -15.80 -19.26 6.16
N ASP B 84 -16.80 -19.98 6.70
CA ASP B 84 -17.85 -19.29 7.42
C ASP B 84 -17.65 -19.31 8.93
N ASP B 85 -16.48 -19.70 9.41
CA ASP B 85 -16.23 -19.82 10.82
C ASP B 85 -16.20 -18.45 11.44
N PHE B 86 -16.36 -18.46 12.78
CA PHE B 86 -16.22 -17.34 13.66
C PHE B 86 -14.95 -17.70 14.44
N ILE B 87 -13.88 -16.94 14.19
CA ILE B 87 -12.51 -17.23 14.65
C ILE B 87 -12.00 -16.16 15.66
N LEU B 88 -11.30 -16.55 16.70
CA LEU B 88 -10.66 -15.53 17.56
C LEU B 88 -9.10 -15.54 17.34
N ASP B 89 -8.55 -14.35 17.17
CA ASP B 89 -7.11 -14.20 17.00
C ASP B 89 -6.65 -13.42 18.26
N MET B 90 -6.13 -14.14 19.26
CA MET B 90 -6.03 -13.62 20.58
C MET B 90 -4.98 -12.50 20.78
N CYS B 91 -3.87 -12.57 20.06
CA CYS B 91 -2.77 -11.58 20.14
C CYS B 91 -2.39 -11.32 18.70
N ALA B 92 -3.06 -10.36 18.08
CA ALA B 92 -3.19 -10.30 16.64
C ALA B 92 -2.12 -9.48 15.95
N ALA B 93 -1.64 -8.37 16.56
CA ALA B 93 -0.75 -7.47 15.81
C ALA B 93 0.58 -8.13 15.56
N PRO B 94 1.23 -7.78 14.45
CA PRO B 94 0.86 -6.82 13.43
C PRO B 94 -0.15 -7.26 12.32
N GLY B 95 -0.61 -8.53 12.35
CA GLY B 95 -1.63 -9.06 11.47
C GLY B 95 -1.13 -10.00 10.40
N GLY B 96 0.06 -10.58 10.56
CA GLY B 96 0.59 -11.51 9.57
C GLY B 96 -0.31 -12.69 9.48
N LYS B 97 -0.53 -13.33 10.63
CA LYS B 97 -1.47 -14.44 10.75
C LYS B 97 -2.98 -14.10 10.60
N THR B 98 -3.43 -12.91 10.98
CA THR B 98 -4.84 -12.58 10.79
C THR B 98 -5.19 -12.40 9.32
N THR B 99 -4.26 -11.83 8.53
CA THR B 99 -4.54 -11.65 7.10
C THR B 99 -4.44 -13.00 6.38
N HIS B 100 -3.59 -13.88 6.91
CA HIS B 100 -3.47 -15.27 6.44
C HIS B 100 -4.77 -16.04 6.67
N LEU B 101 -5.24 -16.08 7.90
CA LEU B 101 -6.62 -16.59 8.23
C LEU B 101 -7.69 -16.01 7.28
N ALA B 102 -7.70 -14.67 7.07
CA ALA B 102 -8.76 -14.08 6.20
C ALA B 102 -8.65 -14.57 4.76
N GLN B 103 -7.41 -14.66 4.21
CA GLN B 103 -7.24 -15.21 2.86
C GLN B 103 -7.69 -16.62 2.81
N LEU B 104 -7.36 -17.42 3.83
CA LEU B 104 -7.88 -18.81 3.89
C LEU B 104 -9.45 -18.90 3.86
N MET B 105 -10.13 -17.88 4.32
CA MET B 105 -11.58 -17.90 4.49
C MET B 105 -12.22 -17.10 3.33
N LYS B 106 -11.37 -16.64 2.41
CA LYS B 106 -11.75 -15.80 1.26
C LYS B 106 -12.57 -14.64 1.68
N ASN B 107 -12.20 -14.01 2.79
CA ASN B 107 -12.95 -12.82 3.27
C ASN B 107 -14.39 -13.08 3.78
N LYS B 108 -14.73 -14.32 4.05
CA LYS B 108 -16.03 -14.69 4.55
C LYS B 108 -15.96 -14.95 6.07
N GLY B 109 -17.10 -15.16 6.73
CA GLY B 109 -17.07 -15.42 8.18
C GLY B 109 -16.57 -14.18 8.90
N THR B 110 -16.03 -14.38 10.09
CA THR B 110 -15.57 -13.32 11.01
C THR B 110 -14.28 -13.68 11.77
N ILE B 111 -13.36 -12.74 11.75
CA ILE B 111 -12.23 -12.74 12.68
C ILE B 111 -12.29 -11.61 13.71
N VAL B 112 -12.19 -11.95 14.99
CA VAL B 112 -12.10 -10.94 16.00
C VAL B 112 -10.62 -11.07 16.33
N ALA B 113 -9.89 -10.04 15.94
CA ALA B 113 -8.44 -9.92 16.14
C ALA B 113 -8.29 -8.99 17.32
N VAL B 114 -7.66 -9.48 18.37
CA VAL B 114 -7.48 -8.64 19.54
C VAL B 114 -6.01 -8.23 19.70
N GLU B 115 -5.73 -6.98 20.07
CA GLU B 115 -4.38 -6.59 20.45
C GLU B 115 -4.37 -5.71 21.69
N ILE B 116 -3.43 -5.87 22.61
CA ILE B 116 -3.37 -5.05 23.80
C ILE B 116 -2.82 -3.65 23.53
N SER B 117 -1.75 -3.59 22.75
CA SER B 117 -1.10 -2.32 22.43
C SER B 117 -1.91 -1.42 21.48
N LYS B 118 -2.16 -0.18 21.91
CA LYS B 118 -2.76 0.90 21.15
C LYS B 118 -1.94 1.26 19.90
N THR B 119 -0.62 1.32 20.04
CA THR B 119 0.31 1.52 18.93
C THR B 119 0.32 0.36 17.92
N ARG B 120 0.54 -0.86 18.42
CA ARG B 120 0.60 -2.04 17.56
C ARG B 120 -0.71 -2.29 16.81
N THR B 121 -1.84 -1.90 17.41
CA THR B 121 -3.19 -1.99 16.82
C THR B 121 -3.32 -1.20 15.49
N LYS B 122 -2.69 -0.04 15.44
CA LYS B 122 -2.58 0.81 14.30
C LYS B 122 -1.87 0.08 13.15
N ALA B 123 -0.88 -0.75 13.50
CA ALA B 123 -0.11 -1.54 12.57
C ALA B 123 -0.91 -2.78 12.05
N LEU B 124 -1.71 -3.37 12.93
CA LEU B 124 -2.69 -4.38 12.57
C LEU B 124 -3.77 -3.79 11.61
N LYS B 125 -4.41 -2.66 11.96
CA LYS B 125 -5.30 -1.97 11.02
C LYS B 125 -4.68 -1.71 9.61
N SER B 126 -3.47 -1.21 9.63
CA SER B 126 -2.75 -0.95 8.43
C SER B 126 -2.55 -2.23 7.63
N ASN B 127 -2.17 -3.36 8.29
CA ASN B 127 -2.02 -4.61 7.52
C ASN B 127 -3.38 -5.12 6.98
N ILE B 128 -4.39 -5.19 7.84
CA ILE B 128 -5.76 -5.54 7.41
C ILE B 128 -6.12 -4.63 6.20
N ASN B 129 -5.92 -3.33 6.32
CA ASN B 129 -6.32 -2.45 5.23
C ASN B 129 -5.47 -2.64 3.98
N ARG B 130 -4.15 -2.77 4.15
CA ARG B 130 -3.23 -2.95 3.02
C ARG B 130 -3.58 -4.26 2.23
N MET B 131 -4.05 -5.31 2.93
CA MET B 131 -4.18 -6.64 2.41
C MET B 131 -5.60 -6.90 1.82
N GLY B 132 -6.48 -5.91 1.94
CA GLY B 132 -7.85 -6.08 1.45
C GLY B 132 -8.76 -6.93 2.34
N VAL B 133 -8.45 -6.99 3.63
CA VAL B 133 -9.21 -7.88 4.50
C VAL B 133 -10.47 -7.14 4.98
N LEU B 134 -11.64 -7.82 4.88
CA LEU B 134 -12.96 -7.23 5.16
C LEU B 134 -13.75 -7.90 6.27
N ASN B 135 -13.31 -9.09 6.71
CA ASN B 135 -14.04 -9.98 7.63
C ASN B 135 -13.58 -9.84 9.10
N THR B 136 -12.84 -8.80 9.39
CA THR B 136 -12.14 -8.72 10.64
C THR B 136 -12.65 -7.60 11.52
N ILE B 137 -12.88 -7.93 12.80
CA ILE B 137 -13.22 -6.98 13.81
C ILE B 137 -12.00 -6.77 14.69
N ILE B 138 -11.52 -5.52 14.76
CA ILE B 138 -10.33 -5.21 15.55
C ILE B 138 -10.76 -4.68 16.92
N ILE B 139 -10.21 -5.31 17.97
CA ILE B 139 -10.47 -4.86 19.31
C ILE B 139 -9.14 -4.59 19.98
N ASN B 140 -9.00 -3.35 20.47
CA ASN B 140 -7.85 -2.97 21.23
C ASN B 140 -8.29 -3.21 22.65
N ALA B 141 -7.75 -4.24 23.29
CA ALA B 141 -8.04 -4.55 24.69
C ALA B 141 -7.04 -5.58 25.12
N ASP B 142 -6.94 -5.69 26.46
CA ASP B 142 -6.33 -6.79 27.19
C ASP B 142 -7.28 -7.94 27.12
N MET B 143 -6.80 -8.98 26.45
CA MET B 143 -7.54 -10.21 26.25
C MET B 143 -7.98 -10.79 27.62
N ARG B 144 -7.12 -10.61 28.63
CA ARG B 144 -7.37 -11.08 30.02
C ARG B 144 -8.56 -10.46 30.69
N LYS B 145 -9.10 -9.40 30.13
CA LYS B 145 -10.21 -8.72 30.75
C LYS B 145 -11.37 -8.71 29.74
N TYR B 146 -11.02 -8.60 28.46
CA TYR B 146 -11.98 -8.79 27.36
C TYR B 146 -12.73 -10.16 27.35
N LYS B 147 -12.08 -11.23 27.80
CA LYS B 147 -12.76 -12.53 27.90
C LYS B 147 -13.97 -12.53 28.88
N ASP B 148 -13.93 -11.69 29.89
CA ASP B 148 -15.08 -11.60 30.80
C ASP B 148 -16.27 -11.09 30.00
N TYR B 149 -16.09 -10.05 29.18
CA TYR B 149 -17.22 -9.67 28.32
C TYR B 149 -17.62 -10.82 27.35
N LEU B 150 -16.67 -11.55 26.79
CA LEU B 150 -17.06 -12.66 25.90
C LEU B 150 -17.84 -13.72 26.63
N LEU B 151 -17.36 -14.11 27.82
CA LEU B 151 -17.88 -15.25 28.53
C LEU B 151 -19.29 -14.96 29.14
N LYS B 152 -19.48 -13.75 29.63
CA LYS B 152 -20.76 -13.33 30.16
C LYS B 152 -21.81 -13.23 29.07
N ASN B 153 -21.37 -12.86 27.87
CA ASN B 153 -22.27 -12.91 26.75
C ASN B 153 -22.31 -14.24 26.03
N GLU B 154 -21.61 -15.27 26.51
CA GLU B 154 -21.64 -16.63 25.91
C GLU B 154 -21.35 -16.66 24.38
N ILE B 155 -20.36 -15.85 23.99
CA ILE B 155 -19.85 -15.68 22.67
C ILE B 155 -18.64 -16.62 22.60
N PHE B 156 -18.85 -17.77 21.95
CA PHE B 156 -17.79 -18.76 21.81
C PHE B 156 -17.43 -18.93 20.36
N PHE B 157 -16.22 -19.45 20.14
CA PHE B 157 -15.65 -19.43 18.78
C PHE B 157 -15.51 -20.79 18.16
N ASP B 158 -15.62 -20.86 16.84
CA ASP B 158 -15.37 -22.14 16.22
C ASP B 158 -13.90 -22.50 16.30
N LYS B 159 -13.00 -21.55 16.04
CA LYS B 159 -11.59 -21.89 16.15
C LYS B 159 -10.84 -20.74 16.78
N ILE B 160 -9.73 -21.00 17.44
CA ILE B 160 -8.97 -19.91 18.02
C ILE B 160 -7.49 -19.98 17.69
N LEU B 161 -6.89 -18.85 17.28
CA LEU B 161 -5.44 -18.79 17.15
C LEU B 161 -4.92 -18.06 18.41
N LEU B 162 -4.21 -18.79 19.27
CA LEU B 162 -3.37 -18.16 20.29
C LEU B 162 -1.97 -18.06 19.74
N ASP B 163 -1.67 -17.02 18.98
CA ASP B 163 -0.24 -16.82 18.66
C ASP B 163 0.40 -15.80 19.68
N ALA B 164 0.84 -16.43 20.76
CA ALA B 164 1.34 -15.79 21.96
C ALA B 164 2.66 -15.04 21.77
N PRO B 165 2.86 -13.95 22.57
CA PRO B 165 4.15 -13.31 22.68
C PRO B 165 5.16 -14.29 23.29
N CYS B 166 6.43 -14.11 22.92
CA CYS B 166 7.51 -14.96 23.32
C CYS B 166 8.62 -14.06 23.95
N SER B 167 9.56 -14.70 24.64
CA SER B 167 10.69 -14.06 25.28
C SER B 167 11.66 -13.40 24.30
N GLY B 168 11.60 -13.79 23.05
CA GLY B 168 12.48 -13.18 22.09
C GLY B 168 12.17 -11.73 21.63
N ASN B 169 11.12 -11.12 22.16
CA ASN B 169 10.62 -9.82 21.71
C ASN B 169 10.33 -8.80 22.85
N ASP B 182 13.51 -16.54 33.25
CA ASP B 182 13.70 -15.13 32.76
C ASP B 182 12.49 -14.08 32.79
N ILE B 183 12.38 -13.11 31.88
CA ILE B 183 12.23 -13.28 30.44
C ILE B 183 11.11 -14.40 30.19
N LYS B 184 11.33 -15.72 30.41
CA LYS B 184 10.10 -16.62 30.85
C LYS B 184 9.72 -16.62 32.42
N TYR B 185 8.71 -15.87 32.94
CA TYR B 185 7.33 -15.98 32.51
C TYR B 185 6.57 -15.01 31.51
N CYS B 186 7.14 -14.98 30.33
CA CYS B 186 6.37 -15.09 29.16
C CYS B 186 5.55 -16.39 29.24
N SER B 187 6.11 -17.41 29.88
CA SER B 187 5.49 -18.72 30.09
C SER B 187 4.14 -18.64 30.88
N LEU B 188 4.13 -17.81 31.90
CA LEU B 188 3.01 -17.50 32.75
C LEU B 188 1.87 -16.76 32.04
N ARG B 189 2.19 -15.82 31.15
CA ARG B 189 1.24 -15.15 30.28
C ARG B 189 0.65 -16.14 29.26
N GLN B 190 1.49 -17.01 28.70
CA GLN B 190 1.10 -18.05 27.74
C GLN B 190 0.15 -19.01 28.44
N LYS B 191 0.40 -19.33 29.71
CA LYS B 191 -0.46 -20.26 30.47
C LYS B 191 -1.84 -19.65 30.70
N GLU B 192 -1.85 -18.45 31.23
CA GLU B 192 -3.12 -17.71 31.48
C GLU B 192 -3.95 -17.54 30.18
N LEU B 193 -3.29 -17.02 29.16
CA LEU B 193 -3.84 -16.92 27.77
C LEU B 193 -4.40 -18.25 27.26
N ILE B 194 -3.63 -19.33 27.34
CA ILE B 194 -4.16 -20.60 26.82
C ILE B 194 -5.41 -21.09 27.63
N ASP B 195 -5.48 -20.81 28.94
CA ASP B 195 -6.65 -21.30 29.64
C ASP B 195 -7.85 -20.47 29.22
N ILE B 196 -7.60 -19.19 28.96
CA ILE B 196 -8.59 -18.28 28.44
C ILE B 196 -9.10 -18.73 27.12
N GLY B 197 -8.18 -19.04 26.19
CA GLY B 197 -8.53 -19.60 24.86
C GLY B 197 -9.48 -20.81 24.85
N ILE B 198 -9.11 -21.82 25.64
CA ILE B 198 -9.96 -22.95 25.87
C ILE B 198 -11.35 -22.59 26.47
N ASP B 199 -11.46 -21.72 27.45
CA ASP B 199 -12.75 -21.25 27.92
C ASP B 199 -13.63 -20.64 26.81
N LEU B 200 -13.00 -20.12 25.74
CA LEU B 200 -13.73 -19.38 24.72
C LEU B 200 -14.08 -20.24 23.52
N LEU B 201 -13.76 -21.53 23.58
CA LEU B 201 -13.98 -22.40 22.41
C LEU B 201 -15.37 -23.04 22.48
N LYS B 202 -16.05 -23.16 21.34
CA LYS B 202 -17.26 -24.01 21.24
C LYS B 202 -16.84 -25.44 21.48
N LYS B 203 -17.73 -26.27 22.01
CA LYS B 203 -17.46 -27.69 22.04
C LYS B 203 -17.06 -28.14 20.64
N ASP B 204 -16.06 -29.02 20.55
CA ASP B 204 -15.48 -29.43 19.27
C ASP B 204 -14.68 -28.39 18.47
N GLY B 205 -14.57 -27.17 19.01
CA GLY B 205 -13.75 -26.11 18.45
C GLY B 205 -12.26 -26.49 18.60
N GLU B 206 -11.41 -25.85 17.79
CA GLU B 206 -9.99 -26.15 17.89
C GLU B 206 -9.26 -24.91 18.21
N LEU B 207 -8.11 -25.07 18.83
CA LEU B 207 -7.27 -23.98 19.16
C LEU B 207 -5.83 -24.37 18.76
N VAL B 208 -5.14 -23.47 18.07
CA VAL B 208 -3.71 -23.59 17.84
C VAL B 208 -2.98 -22.63 18.76
N TYR B 209 -2.01 -23.20 19.47
CA TYR B 209 -1.06 -22.46 20.27
C TYR B 209 0.25 -22.32 19.50
N SER B 210 0.70 -21.09 19.34
CA SER B 210 2.00 -20.95 18.72
C SER B 210 2.72 -19.82 19.43
N THR B 211 4.05 -19.95 19.37
CA THR B 211 4.93 -18.88 19.82
C THR B 211 6.27 -18.92 19.07
N CYS B 212 6.94 -17.77 19.02
CA CYS B 212 8.15 -17.52 18.24
C CYS B 212 9.33 -17.83 19.11
N SER B 213 9.24 -18.90 19.91
CA SER B 213 10.26 -19.23 20.87
C SER B 213 10.39 -20.72 20.86
N MET B 214 11.58 -21.22 21.11
CA MET B 214 11.77 -22.64 21.06
C MET B 214 12.01 -23.19 22.46
N GLU B 215 11.96 -22.34 23.49
CA GLU B 215 12.11 -22.69 24.92
C GLU B 215 11.01 -23.61 25.39
N VAL B 216 11.41 -24.68 26.05
CA VAL B 216 10.45 -25.71 26.54
C VAL B 216 9.42 -25.09 27.50
N GLU B 217 9.92 -24.17 28.32
CA GLU B 217 9.09 -23.46 29.32
C GLU B 217 7.93 -22.65 28.72
N GLU B 218 8.17 -22.01 27.58
CA GLU B 218 7.14 -21.40 26.77
C GLU B 218 6.41 -22.33 25.79
N ASN B 219 6.75 -23.62 25.78
CA ASN B 219 6.29 -24.47 24.70
C ASN B 219 5.62 -25.60 25.34
N GLU B 220 6.35 -26.70 25.56
CA GLU B 220 5.76 -27.93 26.07
C GLU B 220 5.18 -27.76 27.50
N GLU B 221 5.80 -26.88 28.28
CA GLU B 221 5.39 -26.65 29.65
C GLU B 221 4.03 -25.97 29.67
N VAL B 222 3.76 -25.20 28.62
CA VAL B 222 2.48 -24.55 28.41
C VAL B 222 1.36 -25.55 28.05
N ILE B 223 1.68 -26.49 27.19
CA ILE B 223 0.69 -27.54 26.79
C ILE B 223 0.38 -28.57 27.95
N LYS B 224 1.42 -28.99 28.66
CA LYS B 224 1.35 -29.85 29.89
C LYS B 224 0.44 -29.20 30.92
N TYR B 225 0.57 -27.89 31.08
CA TYR B 225 -0.27 -27.14 31.98
C TYR B 225 -1.79 -27.20 31.64
N ILE B 226 -2.14 -26.88 30.40
CA ILE B 226 -3.52 -26.93 29.93
C ILE B 226 -4.09 -28.35 30.01
N LEU B 227 -3.26 -29.36 29.72
CA LEU B 227 -3.75 -30.74 29.70
C LEU B 227 -4.13 -31.28 31.08
N GLN B 228 -3.36 -30.94 32.11
CA GLN B 228 -3.74 -31.38 33.47
C GLN B 228 -4.87 -30.54 33.98
N LYS B 229 -4.80 -29.25 33.71
CA LYS B 229 -5.83 -28.36 34.19
C LYS B 229 -7.19 -28.79 33.65
N ARG B 230 -7.26 -29.26 32.42
CA ARG B 230 -8.55 -29.38 31.76
C ARG B 230 -8.86 -30.79 31.35
N ASN B 231 -9.98 -31.32 31.81
CA ASN B 231 -10.41 -32.69 31.44
C ASN B 231 -11.21 -32.80 30.10
N ASP B 232 -11.65 -31.66 29.58
CA ASP B 232 -12.33 -31.45 28.28
C ASP B 232 -11.45 -31.03 27.07
N VAL B 233 -10.15 -31.28 27.11
CA VAL B 233 -9.25 -30.85 26.04
C VAL B 233 -8.43 -32.05 25.62
N GLU B 234 -8.19 -32.19 24.33
CA GLU B 234 -7.31 -33.22 23.90
C GLU B 234 -6.35 -32.61 22.86
N LEU B 235 -5.17 -33.19 22.71
CA LEU B 235 -4.15 -32.76 21.76
C LEU B 235 -4.53 -33.35 20.43
N ILE B 236 -4.38 -32.58 19.35
CA ILE B 236 -4.42 -33.08 17.96
C ILE B 236 -2.99 -33.18 17.40
N ILE B 237 -2.64 -34.34 16.84
CA ILE B 237 -1.31 -34.55 16.27
C ILE B 237 -1.11 -33.77 14.98
N ILE B 238 -0.09 -32.92 14.96
CA ILE B 238 0.33 -32.25 13.72
C ILE B 238 1.54 -33.06 13.27
N LYS B 239 1.64 -33.33 11.96
CA LYS B 239 2.71 -34.18 11.40
C LYS B 239 3.88 -33.37 10.87
N ALA B 240 5.08 -33.71 11.36
CA ALA B 240 6.35 -33.08 10.92
C ALA B 240 6.63 -33.28 9.43
N ASN B 241 6.27 -34.45 8.87
CA ASN B 241 6.48 -34.68 7.42
C ASN B 241 5.57 -33.92 6.40
N GLU B 242 4.73 -33.02 6.88
CA GLU B 242 3.91 -32.18 5.99
C GLU B 242 4.47 -30.74 5.78
N PHE B 243 5.71 -30.49 6.20
CA PHE B 243 6.36 -29.15 6.10
C PHE B 243 7.78 -29.26 5.47
N LYS B 244 7.87 -29.92 4.32
CA LYS B 244 9.18 -30.18 3.66
C LYS B 244 9.95 -28.91 3.47
N GLY B 245 11.27 -28.97 3.60
CA GLY B 245 12.15 -27.80 3.48
C GLY B 245 12.25 -26.91 4.72
N ILE B 246 11.48 -27.18 5.78
CA ILE B 246 11.62 -26.54 7.09
C ILE B 246 12.41 -27.48 8.01
N ASN B 247 13.22 -26.92 8.89
CA ASN B 247 14.01 -27.72 9.83
C ASN B 247 13.11 -27.87 11.05
N ILE B 248 12.23 -28.86 11.03
CA ILE B 248 11.16 -28.95 11.99
C ILE B 248 11.17 -30.35 12.60
N LYS B 249 11.11 -30.44 13.94
CA LYS B 249 11.06 -31.75 14.58
C LYS B 249 9.81 -31.83 15.49
N GLU B 250 9.51 -33.05 15.94
CA GLU B 250 8.39 -33.25 16.83
C GLU B 250 8.83 -32.61 18.15
N GLY B 251 7.90 -32.05 18.91
CA GLY B 251 8.26 -31.59 20.27
C GLY B 251 8.38 -32.75 21.27
N TYR B 252 8.42 -32.42 22.56
CA TYR B 252 8.60 -33.43 23.63
C TYR B 252 7.27 -34.06 24.04
N ILE B 253 6.18 -33.40 23.65
CA ILE B 253 4.87 -34.00 23.66
C ILE B 253 4.67 -34.38 22.19
N LYS B 254 4.22 -35.62 21.92
CA LYS B 254 3.90 -36.10 20.56
C LYS B 254 2.75 -35.35 19.90
N GLY B 255 2.93 -34.98 18.64
CA GLY B 255 1.94 -34.16 17.95
C GLY B 255 2.23 -32.67 17.96
N THR B 256 3.22 -32.19 18.69
CA THR B 256 3.54 -30.77 18.71
C THR B 256 4.81 -30.59 17.88
N LEU B 257 5.12 -29.37 17.46
CA LEU B 257 6.24 -29.16 16.53
C LEU B 257 7.15 -28.03 16.96
N ARG B 258 8.40 -28.17 16.62
CA ARG B 258 9.43 -27.21 16.96
C ARG B 258 10.26 -26.93 15.68
N VAL B 259 10.51 -25.67 15.41
CA VAL B 259 11.29 -25.31 14.24
C VAL B 259 12.63 -24.85 14.72
N PHE B 260 13.69 -25.35 14.08
CA PHE B 260 15.08 -25.00 14.46
C PHE B 260 15.83 -24.11 13.45
N PRO B 261 16.93 -23.45 13.89
CA PRO B 261 17.76 -22.78 12.85
C PRO B 261 18.20 -23.66 11.68
N PRO B 262 18.33 -23.04 10.49
CA PRO B 262 18.27 -21.61 10.08
C PRO B 262 16.85 -21.02 9.95
N ASN B 263 15.79 -21.80 10.03
CA ASN B 263 14.43 -21.19 10.08
C ASN B 263 14.25 -20.38 11.38
N GLU B 264 13.21 -19.57 11.44
CA GLU B 264 12.86 -18.87 12.66
C GLU B 264 12.41 -19.83 13.80
N PRO B 265 13.00 -19.71 15.00
CA PRO B 265 12.54 -20.59 16.11
C PRO B 265 11.10 -20.40 16.43
N PHE B 266 10.37 -21.52 16.51
CA PHE B 266 8.93 -21.53 16.57
C PHE B 266 8.47 -22.81 17.28
N PHE B 267 7.29 -22.75 17.92
CA PHE B 267 6.63 -23.93 18.45
C PHE B 267 5.12 -23.92 18.13
N ILE B 268 4.56 -25.05 17.69
CA ILE B 268 3.11 -25.20 17.40
C ILE B 268 2.52 -26.41 18.10
N ALA B 269 1.33 -26.22 18.65
CA ALA B 269 0.49 -27.33 19.12
C ALA B 269 -0.97 -26.96 18.82
N LYS B 270 -1.82 -27.97 18.77
CA LYS B 270 -3.21 -27.84 18.31
C LYS B 270 -4.01 -28.68 19.26
N LEU B 271 -5.08 -28.11 19.76
CA LEU B 271 -5.97 -28.76 20.73
C LEU B 271 -7.42 -28.66 20.27
N ARG B 272 -8.27 -29.52 20.84
CA ARG B 272 -9.67 -29.58 20.55
C ARG B 272 -10.38 -29.60 21.90
N LYS B 273 -11.51 -28.91 21.99
CA LYS B 273 -12.38 -28.96 23.14
C LYS B 273 -13.32 -30.14 22.97
N ILE B 274 -13.34 -31.02 23.96
CA ILE B 274 -14.23 -32.20 23.85
C ILE B 274 -15.45 -32.15 24.79
#